data_2IC2
#
_entry.id   2IC2
#
_cell.length_a   39.511
_cell.length_b   39.480
_cell.length_c   127.666
_cell.angle_alpha   90.00
_cell.angle_beta   90.00
_cell.angle_gamma   90.00
#
_symmetry.space_group_name_H-M   'P 21 21 21'
#
loop_
_entity.id
_entity.type
_entity.pdbx_description
1 polymer CG9211-PA
2 non-polymer 'SULFATE ION'
3 water water
#
_entity_poly.entity_id   1
_entity_poly.type   'polypeptide(L)'
_entity_poly.pdbx_seq_one_letter_code
;GSTYPPTPPNVTRLSDESV(MSE)LRW(MSE)VPRNDGLPIVIFKVQYR(MSE)VGKRKNWQTTNDNIPYGKPKWNSELG
KSFTASVTDLKPQHTYRFRILAVYSNNDNKESNTSAKFYLQPGAALD
;
_entity_poly.pdbx_strand_id   A,B
#
loop_
_chem_comp.id
_chem_comp.type
_chem_comp.name
_chem_comp.formula
SO4 non-polymer 'SULFATE ION' 'O4 S -2'
#
# COMPACT_ATOMS: atom_id res chain seq x y z
N GLY A 1 -8.98 -19.95 -19.63
CA GLY A 1 -9.36 -18.54 -19.95
C GLY A 1 -8.14 -17.68 -20.21
N SER A 2 -8.34 -16.57 -20.91
N SER A 2 -8.34 -16.56 -20.92
CA SER A 2 -7.24 -15.66 -21.21
CA SER A 2 -7.22 -15.65 -21.22
C SER A 2 -6.90 -14.81 -20.00
C SER A 2 -6.89 -14.81 -20.01
N THR A 3 -5.60 -14.49 -19.86
CA THR A 3 -5.12 -13.69 -18.75
C THR A 3 -4.40 -12.47 -19.31
N TYR A 4 -5.12 -11.35 -19.37
CA TYR A 4 -4.54 -10.12 -19.89
C TYR A 4 -3.64 -9.52 -18.82
N PRO A 5 -2.35 -9.35 -19.12
CA PRO A 5 -1.41 -8.80 -18.15
C PRO A 5 -1.51 -7.31 -17.87
N PRO A 6 -1.22 -6.92 -16.63
CA PRO A 6 -1.27 -5.50 -16.29
C PRO A 6 -0.03 -4.87 -16.92
N THR A 7 -0.04 -3.56 -17.09
CA THR A 7 1.13 -2.88 -17.63
C THR A 7 2.17 -2.81 -16.53
N PRO A 8 3.43 -2.53 -16.88
CA PRO A 8 4.43 -2.43 -15.82
C PRO A 8 4.05 -1.19 -15.02
N PRO A 9 4.50 -1.11 -13.78
CA PRO A 9 4.17 0.07 -12.99
C PRO A 9 5.15 1.21 -13.32
N ASN A 10 4.64 2.44 -13.26
CA ASN A 10 5.50 3.60 -13.47
C ASN A 10 5.92 3.87 -12.02
N VAL A 11 7.22 4.06 -11.81
CA VAL A 11 7.76 4.25 -10.48
C VAL A 11 8.19 5.69 -10.18
N THR A 12 7.70 6.23 -9.07
CA THR A 12 8.06 7.60 -8.68
C THR A 12 8.39 7.67 -7.19
N ARG A 13 9.13 8.70 -6.81
CA ARG A 13 9.54 8.89 -5.42
C ARG A 13 8.42 9.37 -4.50
N LEU A 14 8.47 8.94 -3.25
CA LEU A 14 7.51 9.33 -2.23
C LEU A 14 8.21 9.54 -0.90
N SER A 18 10.04 6.16 0.34
CA SER A 18 9.02 5.25 -0.16
C SER A 18 8.90 5.34 -1.67
N VAL A 19 8.25 4.35 -2.28
CA VAL A 19 8.09 4.32 -3.71
C VAL A 19 6.61 4.17 -4.11
N MSE A 20 6.19 4.95 -5.09
CA MSE A 20 4.82 4.91 -5.57
C MSE A 20 4.83 4.11 -6.87
O MSE A 20 5.71 4.31 -7.72
CB MSE A 20 4.29 6.32 -5.85
CG MSE A 20 2.82 6.36 -6.24
SE MSE A 20 2.16 8.14 -6.68
CE MSE A 20 1.84 7.85 -8.57
N LEU A 21 3.86 3.20 -7.02
CA LEU A 21 3.75 2.38 -8.21
C LEU A 21 2.35 2.60 -8.80
N ARG A 22 2.30 2.96 -10.08
CA ARG A 22 1.03 3.16 -10.75
C ARG A 22 1.02 2.31 -12.01
N TRP A 23 0.06 1.39 -12.07
CA TRP A 23 -0.06 0.49 -13.22
C TRP A 23 -1.49 0.48 -13.72
N MSE A 24 -1.69 -0.15 -14.88
CA MSE A 24 -3.02 -0.22 -15.46
C MSE A 24 -3.38 -1.61 -15.99
O MSE A 24 -2.52 -2.36 -16.43
CB MSE A 24 -3.17 0.76 -16.61
CG MSE A 24 -4.47 0.58 -17.37
SE MSE A 24 -4.66 1.69 -18.90
CE MSE A 24 -4.83 3.38 -18.00
N VAL A 25 -4.66 -1.92 -15.90
CA VAL A 25 -5.18 -3.17 -16.43
C VAL A 25 -6.02 -2.65 -17.59
N PRO A 26 -5.53 -2.82 -18.82
CA PRO A 26 -6.25 -2.36 -20.00
C PRO A 26 -7.58 -3.07 -20.14
N ARG A 27 -8.58 -2.39 -20.71
CA ARG A 27 -9.88 -3.02 -20.91
C ARG A 27 -9.66 -4.30 -21.71
N ASN A 28 -10.33 -5.36 -21.29
CA ASN A 28 -10.18 -6.63 -21.99
C ASN A 28 -11.32 -7.58 -21.59
N ASP A 29 -11.51 -8.61 -22.40
CA ASP A 29 -12.57 -9.59 -22.16
C ASP A 29 -12.06 -10.90 -21.59
N GLY A 30 -10.85 -10.87 -21.02
CA GLY A 30 -10.29 -12.06 -20.42
C GLY A 30 -10.83 -12.29 -19.01
N LEU A 31 -10.19 -13.18 -18.28
CA LEU A 31 -10.62 -13.48 -16.92
C LEU A 31 -10.44 -12.28 -15.99
N PRO A 32 -11.34 -12.11 -15.02
CA PRO A 32 -11.20 -10.98 -14.11
C PRO A 32 -10.05 -11.24 -13.14
N ILE A 33 -9.51 -10.17 -12.57
CA ILE A 33 -8.41 -10.26 -11.63
C ILE A 33 -8.95 -10.19 -10.21
N VAL A 34 -8.43 -11.05 -9.35
CA VAL A 34 -8.84 -11.10 -7.95
C VAL A 34 -7.97 -10.14 -7.13
N ILE A 35 -6.67 -10.34 -7.17
CA ILE A 35 -5.73 -9.49 -6.45
C ILE A 35 -4.44 -9.31 -7.22
N PHE A 36 -3.64 -8.35 -6.78
CA PHE A 36 -2.32 -8.09 -7.35
C PHE A 36 -1.31 -8.23 -6.22
N LYS A 37 -0.09 -8.62 -6.58
CA LYS A 37 1.00 -8.71 -5.63
C LYS A 37 2.10 -7.86 -6.23
N VAL A 38 2.90 -7.24 -5.37
CA VAL A 38 3.99 -6.38 -5.82
C VAL A 38 5.31 -7.12 -5.64
N GLN A 39 6.13 -7.12 -6.68
CA GLN A 39 7.42 -7.77 -6.62
C GLN A 39 8.51 -6.78 -6.99
N TYR A 40 9.69 -6.96 -6.42
CA TYR A 40 10.81 -6.08 -6.67
C TYR A 40 12.11 -6.83 -6.56
N ARG A 41 13.16 -6.25 -7.12
CA ARG A 41 14.50 -6.82 -7.05
C ARG A 41 15.49 -5.72 -7.34
N MSE A 42 16.71 -5.89 -6.84
CA MSE A 42 17.75 -4.90 -7.08
C MSE A 42 18.26 -5.17 -8.49
O MSE A 42 18.15 -6.28 -9.00
CB MSE A 42 18.89 -5.04 -6.08
CG MSE A 42 18.53 -4.60 -4.67
SE MSE A 42 20.08 -4.56 -3.52
CE MSE A 42 19.20 -3.99 -1.89
N VAL A 43 18.82 -4.14 -9.13
CA VAL A 43 19.34 -4.28 -10.48
C VAL A 43 20.52 -5.24 -10.49
N GLY A 44 20.58 -6.09 -11.52
CA GLY A 44 21.66 -7.04 -11.64
C GLY A 44 21.19 -8.37 -12.21
N ASN A 48 17.43 -11.40 -7.43
CA ASN A 48 16.29 -12.28 -7.33
C ASN A 48 15.03 -11.53 -6.88
N TRP A 49 13.91 -11.89 -7.52
CA TRP A 49 12.64 -11.25 -7.22
C TRP A 49 12.07 -11.59 -5.85
N GLN A 50 11.56 -10.57 -5.17
CA GLN A 50 10.95 -10.74 -3.86
C GLN A 50 9.55 -10.20 -3.94
N THR A 51 8.64 -10.78 -3.15
CA THR A 51 7.26 -10.34 -3.14
C THR A 51 6.97 -9.67 -1.80
N THR A 52 6.34 -8.49 -1.84
CA THR A 52 6.01 -7.80 -0.60
C THR A 52 4.80 -8.51 0.02
N ASN A 53 4.36 -8.01 1.16
CA ASN A 53 3.24 -8.61 1.89
C ASN A 53 1.88 -8.03 1.54
N ASP A 54 1.86 -7.09 0.61
CA ASP A 54 0.62 -6.44 0.22
C ASP A 54 -0.16 -7.26 -0.81
N ASN A 55 -1.44 -7.46 -0.52
CA ASN A 55 -2.33 -8.19 -1.41
C ASN A 55 -3.37 -7.13 -1.80
N ILE A 56 -3.19 -6.56 -2.98
CA ILE A 56 -4.06 -5.50 -3.47
C ILE A 56 -5.30 -6.00 -4.16
N PRO A 57 -6.49 -5.68 -3.62
CA PRO A 57 -7.73 -6.15 -4.25
C PRO A 57 -8.04 -5.43 -5.54
N TYR A 58 -8.66 -6.12 -6.49
CA TYR A 58 -9.03 -5.45 -7.73
C TYR A 58 -10.16 -4.49 -7.39
N GLY A 59 -11.10 -4.95 -6.58
CA GLY A 59 -12.20 -4.12 -6.13
C GLY A 59 -13.17 -3.62 -7.19
N LYS A 60 -13.74 -2.45 -6.93
CA LYS A 60 -14.71 -1.82 -7.81
C LYS A 60 -14.35 -0.33 -7.87
N PRO A 61 -14.66 0.34 -8.99
CA PRO A 61 -15.34 -0.14 -10.20
C PRO A 61 -14.48 -1.03 -11.10
N LYS A 62 -15.07 -1.50 -12.19
CA LYS A 62 -14.37 -2.36 -13.13
C LYS A 62 -13.28 -1.58 -13.87
N TRP A 63 -13.62 -0.39 -14.35
CA TRP A 63 -12.67 0.47 -15.06
C TRP A 63 -12.80 1.89 -14.51
N ASN A 64 -11.75 2.71 -14.61
CA ASN A 64 -11.85 4.09 -14.15
C ASN A 64 -11.40 5.07 -15.23
N SER A 65 -11.46 4.61 -16.48
CA SER A 65 -11.14 5.44 -17.65
C SER A 65 -11.48 4.62 -18.88
N GLU A 66 -11.47 5.26 -20.05
CA GLU A 66 -11.76 4.58 -21.29
C GLU A 66 -10.72 3.50 -21.58
N LEU A 67 -9.50 3.72 -21.10
CA LEU A 67 -8.40 2.80 -21.35
C LEU A 67 -8.42 1.52 -20.49
N GLY A 68 -8.96 1.60 -19.29
CA GLY A 68 -9.01 0.45 -18.41
C GLY A 68 -9.06 0.89 -16.97
N LYS A 69 -8.38 0.17 -16.08
CA LYS A 69 -8.38 0.57 -14.68
C LYS A 69 -6.97 0.79 -14.16
N SER A 70 -6.75 2.00 -13.63
CA SER A 70 -5.45 2.36 -13.08
C SER A 70 -5.46 2.09 -11.58
N PHE A 71 -4.29 1.69 -11.07
CA PHE A 71 -4.10 1.39 -9.66
C PHE A 71 -2.84 2.10 -9.18
N THR A 72 -2.88 2.64 -7.97
CA THR A 72 -1.71 3.31 -7.40
C THR A 72 -1.53 2.82 -5.97
N ALA A 73 -0.35 2.29 -5.69
CA ALA A 73 -0.01 1.80 -4.35
C ALA A 73 1.40 2.22 -4.01
N SER A 74 1.84 1.94 -2.79
CA SER A 74 3.18 2.31 -2.39
C SER A 74 3.90 1.15 -1.71
N VAL A 75 5.22 1.21 -1.75
CA VAL A 75 6.08 0.18 -1.16
C VAL A 75 6.94 0.85 -0.07
N THR A 76 7.05 0.21 1.08
CA THR A 76 7.83 0.81 2.15
C THR A 76 9.02 -0.01 2.63
N ASP A 77 9.86 0.66 3.42
CA ASP A 77 11.05 0.07 4.02
C ASP A 77 12.07 -0.55 3.08
N LEU A 78 12.23 0.04 1.90
CA LEU A 78 13.23 -0.45 0.95
C LEU A 78 14.54 0.25 1.28
N LYS A 79 15.65 -0.44 1.10
CA LYS A 79 16.97 0.15 1.39
C LYS A 79 17.35 1.19 0.35
N PRO A 80 17.61 2.43 0.77
CA PRO A 80 17.99 3.48 -0.18
C PRO A 80 19.41 3.28 -0.69
N GLN A 81 19.81 4.10 -1.66
CA GLN A 81 21.14 4.01 -2.27
C GLN A 81 21.32 2.75 -3.09
N HIS A 82 20.22 2.28 -3.67
CA HIS A 82 20.21 1.10 -4.51
C HIS A 82 19.19 1.33 -5.62
N THR A 83 19.38 0.66 -6.75
CA THR A 83 18.47 0.79 -7.87
C THR A 83 17.64 -0.49 -7.92
N TYR A 84 16.33 -0.34 -8.15
CA TYR A 84 15.40 -1.44 -8.18
C TYR A 84 14.58 -1.51 -9.46
N ARG A 85 13.92 -2.64 -9.62
CA ARG A 85 13.00 -2.88 -10.72
C ARG A 85 11.78 -3.45 -10.01
N PHE A 86 10.60 -3.17 -10.55
CA PHE A 86 9.35 -3.63 -9.97
C PHE A 86 8.46 -4.25 -11.03
N ARG A 87 7.57 -5.12 -10.59
CA ARG A 87 6.60 -5.72 -11.49
C ARG A 87 5.35 -6.05 -10.69
N ILE A 88 4.24 -6.17 -11.38
CA ILE A 88 2.96 -6.45 -10.77
C ILE A 88 2.45 -7.82 -11.17
N LEU A 89 2.17 -8.66 -10.18
CA LEU A 89 1.64 -9.99 -10.43
C LEU A 89 0.12 -9.96 -10.30
N ALA A 90 -0.57 -10.35 -11.36
CA ALA A 90 -2.03 -10.39 -11.34
C ALA A 90 -2.46 -11.83 -11.10
N VAL A 91 -3.40 -12.03 -10.19
CA VAL A 91 -3.93 -13.35 -9.88
C VAL A 91 -5.38 -13.33 -10.36
N TYR A 92 -5.71 -14.26 -11.27
CA TYR A 92 -7.03 -14.31 -11.87
C TYR A 92 -8.04 -15.21 -11.14
N SER A 93 -9.32 -15.05 -11.48
CA SER A 93 -10.38 -15.82 -10.83
C SER A 93 -10.30 -17.34 -10.99
N ASN A 94 -9.47 -17.81 -11.91
CA ASN A 94 -9.32 -19.25 -12.12
C ASN A 94 -8.06 -19.77 -11.41
N ASN A 95 -7.44 -18.88 -10.64
CA ASN A 95 -6.23 -19.18 -9.87
C ASN A 95 -4.94 -19.21 -10.68
N ASP A 96 -4.99 -18.76 -11.92
CA ASP A 96 -3.79 -18.68 -12.74
C ASP A 96 -3.27 -17.29 -12.41
N ASN A 97 -2.04 -17.00 -12.79
CA ASN A 97 -1.51 -15.67 -12.55
C ASN A 97 -0.54 -15.33 -13.67
N LYS A 98 -0.27 -14.03 -13.82
CA LYS A 98 0.64 -13.55 -14.85
C LYS A 98 1.24 -12.24 -14.40
N GLU A 99 2.53 -12.08 -14.68
CA GLU A 99 3.28 -10.88 -14.31
C GLU A 99 3.26 -9.83 -15.40
N SER A 100 3.35 -8.57 -14.97
CA SER A 100 3.44 -7.47 -15.91
C SER A 100 4.89 -7.52 -16.38
N ASN A 101 5.21 -6.77 -17.43
CA ASN A 101 6.59 -6.69 -17.86
C ASN A 101 7.25 -5.91 -16.72
N THR A 102 8.57 -5.94 -16.65
CA THR A 102 9.28 -5.24 -15.59
C THR A 102 9.29 -3.74 -15.81
N SER A 103 9.37 -3.00 -14.71
CA SER A 103 9.41 -1.56 -14.75
C SER A 103 10.80 -1.10 -15.19
N ALA A 104 10.94 0.21 -15.40
CA ALA A 104 12.22 0.77 -15.74
C ALA A 104 12.99 0.76 -14.41
N LYS A 105 14.30 0.94 -14.49
CA LYS A 105 15.11 0.96 -13.28
C LYS A 105 14.76 2.20 -12.46
N PHE A 106 14.83 2.08 -11.14
CA PHE A 106 14.52 3.18 -10.25
C PHE A 106 15.48 3.24 -9.08
N TYR A 107 16.23 4.33 -9.00
CA TYR A 107 17.19 4.53 -7.91
C TYR A 107 16.46 5.16 -6.74
N LEU A 108 16.60 4.57 -5.56
CA LEU A 108 15.94 5.10 -4.38
C LEU A 108 16.89 6.03 -3.62
N GLN A 109 16.66 7.33 -3.76
CA GLN A 109 17.48 8.35 -3.10
C GLN A 109 17.31 8.37 -1.58
N PRO A 110 18.42 8.50 -0.84
CA PRO A 110 18.40 8.55 0.63
C PRO A 110 17.58 9.72 1.16
N SER B 2 7.18 -3.42 28.60
CA SER B 2 6.28 -2.32 28.14
C SER B 2 6.15 -2.30 26.62
N THR B 3 5.01 -1.83 26.14
CA THR B 3 4.75 -1.74 24.71
C THR B 3 4.27 -0.32 24.39
N TYR B 4 5.04 0.39 23.58
CA TYR B 4 4.69 1.75 23.21
C TYR B 4 4.05 1.79 21.82
N PRO B 5 2.89 2.46 21.72
CA PRO B 5 2.16 2.57 20.46
C PRO B 5 2.78 3.45 19.39
N PRO B 6 2.47 3.14 18.12
CA PRO B 6 3.00 3.93 17.01
C PRO B 6 2.18 5.22 16.97
N THR B 7 2.69 6.23 16.28
CA THR B 7 1.98 7.50 16.18
C THR B 7 0.86 7.35 15.17
N PRO B 8 -0.13 8.25 15.20
CA PRO B 8 -1.22 8.14 14.23
C PRO B 8 -0.61 8.37 12.86
N PRO B 9 -1.22 7.80 11.82
CA PRO B 9 -0.67 8.01 10.49
C PRO B 9 -1.17 9.32 9.89
N ASN B 10 -0.36 9.97 9.06
CA ASN B 10 -0.86 11.16 8.39
C ASN B 10 -1.14 10.68 6.98
N VAL B 11 -2.19 11.21 6.39
CA VAL B 11 -2.67 10.78 5.09
C VAL B 11 -2.43 11.68 3.90
N THR B 12 -2.13 11.06 2.77
CA THR B 12 -1.91 11.78 1.51
C THR B 12 -2.57 10.99 0.38
N ARG B 13 -3.17 11.71 -0.55
CA ARG B 13 -3.86 11.09 -1.68
C ARG B 13 -2.86 10.56 -2.71
N LEU B 14 -3.08 9.33 -3.18
CA LEU B 14 -2.23 8.72 -4.20
C LEU B 14 -2.99 8.71 -5.52
N SER B 15 -4.30 8.56 -5.43
CA SER B 15 -5.18 8.53 -6.61
C SER B 15 -6.59 8.74 -6.08
N ASP B 16 -7.58 8.71 -6.95
CA ASP B 16 -8.95 8.89 -6.50
C ASP B 16 -9.49 7.68 -5.75
N GLU B 17 -8.70 6.60 -5.71
CA GLU B 17 -9.12 5.38 -5.03
C GLU B 17 -8.11 4.87 -4.00
N SER B 18 -7.04 5.62 -3.78
CA SER B 18 -6.04 5.16 -2.81
C SER B 18 -5.31 6.29 -2.11
N VAL B 19 -4.79 5.97 -0.92
CA VAL B 19 -4.05 6.92 -0.12
C VAL B 19 -2.80 6.27 0.44
N MSE B 20 -1.85 7.10 0.85
CA MSE B 20 -0.66 6.59 1.48
C MSE B 20 -0.69 7.09 2.92
O MSE B 20 -1.13 8.21 3.19
CB MSE B 20 0.63 7.06 0.81
CG MSE B 20 1.87 6.48 1.52
SE MSE B 20 3.57 6.92 0.76
CE MSE B 20 3.41 8.82 0.87
N LEU B 21 -0.25 6.23 3.83
CA LEU B 21 -0.20 6.55 5.24
C LEU B 21 1.27 6.56 5.65
N ARG B 22 1.62 7.48 6.53
CA ARG B 22 2.98 7.59 7.05
C ARG B 22 2.85 7.67 8.56
N TRP B 23 3.57 6.80 9.26
CA TRP B 23 3.54 6.80 10.72
C TRP B 23 4.93 6.63 11.28
N MSE B 24 5.08 6.94 12.57
N MSE B 24 5.05 6.95 12.56
CA MSE B 24 6.35 6.86 13.26
CA MSE B 24 6.32 6.84 13.25
C MSE B 24 6.31 5.96 14.48
C MSE B 24 6.30 5.96 14.48
O MSE B 24 5.31 5.91 15.19
O MSE B 24 5.31 5.90 15.20
CB MSE B 24 6.77 8.27 13.68
CB MSE B 24 6.78 8.21 13.65
CG MSE B 24 8.02 8.35 14.54
CG MSE B 24 7.99 8.08 14.41
SE MSE B 24 9.64 8.16 13.51
SE MSE B 24 8.38 9.85 14.72
CE MSE B 24 9.46 9.75 12.43
CE MSE B 24 8.63 10.43 12.91
N VAL B 25 7.41 5.24 14.71
CA VAL B 25 7.53 4.39 15.89
C VAL B 25 8.65 5.12 16.59
N PRO B 26 8.32 5.90 17.62
CA PRO B 26 9.31 6.67 18.38
C PRO B 26 10.36 5.79 19.03
N ARG B 27 11.60 6.28 19.07
CA ARG B 27 12.66 5.51 19.72
C ARG B 27 12.21 5.20 21.14
N ASN B 28 12.37 3.95 21.56
CA ASN B 28 11.94 3.55 22.90
C ASN B 28 12.63 2.26 23.29
N ASP B 29 12.62 1.93 24.58
CA ASP B 29 13.26 0.72 25.06
C ASP B 29 12.27 -0.38 25.44
N GLY B 30 11.08 -0.33 24.86
CA GLY B 30 10.08 -1.34 25.14
C GLY B 30 10.21 -2.55 24.23
N LEU B 31 9.23 -3.46 24.29
CA LEU B 31 9.27 -4.66 23.45
C LEU B 31 9.24 -4.27 21.98
N PRO B 32 9.92 -5.06 21.13
CA PRO B 32 9.95 -4.78 19.70
C PRO B 32 8.63 -5.11 19.02
N ILE B 33 8.37 -4.44 17.91
CA ILE B 33 7.17 -4.67 17.13
C ILE B 33 7.50 -5.70 16.07
N VAL B 34 6.62 -6.68 15.89
CA VAL B 34 6.80 -7.74 14.91
C VAL B 34 6.24 -7.32 13.56
N ILE B 35 4.96 -6.94 13.56
CA ILE B 35 4.29 -6.50 12.34
C ILE B 35 3.30 -5.40 12.61
N PHE B 36 2.92 -4.70 11.55
CA PHE B 36 1.91 -3.64 11.62
C PHE B 36 0.74 -4.07 10.76
N LYS B 37 -0.45 -3.66 11.17
CA LYS B 37 -1.65 -3.91 10.39
C LYS B 37 -2.25 -2.52 10.18
N VAL B 38 -2.63 -2.23 8.94
CA VAL B 38 -3.19 -0.93 8.59
C VAL B 38 -4.71 -1.01 8.62
N GLN B 39 -5.32 -0.11 9.38
CA GLN B 39 -6.77 -0.11 9.51
C GLN B 39 -7.40 1.19 9.04
N TYR B 40 -8.64 1.08 8.56
CA TYR B 40 -9.35 2.24 8.05
C TYR B 40 -10.85 2.03 8.18
N ARG B 41 -11.58 3.14 8.11
CA ARG B 41 -13.04 3.07 8.18
C ARG B 41 -13.57 4.38 7.66
N MSE B 42 -14.84 4.36 7.24
N MSE B 42 -14.84 4.38 7.23
CA MSE B 42 -15.45 5.59 6.77
CA MSE B 42 -15.47 5.60 6.76
C MSE B 42 -15.94 6.33 8.00
C MSE B 42 -15.93 6.34 8.00
O MSE B 42 -16.14 5.72 9.06
O MSE B 42 -16.10 5.72 9.04
CB MSE B 42 -16.57 5.32 5.75
CB MSE B 42 -16.69 5.25 5.89
CG MSE B 42 -17.49 4.13 6.05
CG MSE B 42 -16.41 4.27 4.78
SE MSE B 42 -18.43 3.55 4.43
SE MSE B 42 -17.80 4.06 3.39
CE MSE B 42 -19.18 5.25 3.87
CE MSE B 42 -18.22 5.96 3.09
N VAL B 43 -16.10 7.64 7.89
CA VAL B 43 -16.57 8.44 9.02
C VAL B 43 -18.08 8.27 9.09
N GLY B 44 -18.68 8.75 10.17
CA GLY B 44 -20.12 8.61 10.34
C GLY B 44 -20.29 7.64 11.48
N LYS B 45 -21.37 6.88 11.51
CA LYS B 45 -21.50 5.97 12.63
C LYS B 45 -22.03 4.58 12.31
N ARG B 46 -21.92 3.70 13.31
CA ARG B 46 -22.30 2.30 13.17
C ARG B 46 -21.35 1.76 12.11
N LYS B 47 -20.14 2.32 12.13
CA LYS B 47 -19.10 1.95 11.19
C LYS B 47 -18.11 0.95 11.78
N ASN B 48 -17.45 0.19 10.90
CA ASN B 48 -16.50 -0.82 11.33
C ASN B 48 -15.08 -0.57 10.83
N TRP B 49 -14.09 -0.93 11.64
CA TRP B 49 -12.69 -0.77 11.24
C TRP B 49 -12.34 -1.95 10.36
N GLN B 50 -11.77 -1.67 9.19
CA GLN B 50 -11.35 -2.72 8.28
C GLN B 50 -9.83 -2.73 8.30
N THR B 51 -9.25 -3.89 8.00
CA THR B 51 -7.80 -4.03 7.97
C THR B 51 -7.40 -4.46 6.55
N THR B 52 -6.35 -3.86 6.00
CA THR B 52 -5.91 -4.25 4.67
C THR B 52 -5.25 -5.62 4.81
N ASN B 53 -5.13 -6.34 3.70
CA ASN B 53 -4.49 -7.65 3.69
C ASN B 53 -3.03 -7.35 3.42
N ASP B 54 -2.34 -6.88 4.45
CA ASP B 54 -0.95 -6.48 4.30
C ASP B 54 -0.22 -6.40 5.65
N ASN B 55 0.31 -7.52 6.11
CA ASN B 55 1.04 -7.56 7.36
C ASN B 55 2.46 -7.06 7.10
N ILE B 56 2.72 -5.84 7.55
CA ILE B 56 4.01 -5.20 7.34
C ILE B 56 5.03 -5.52 8.41
N PRO B 57 6.12 -6.22 8.05
CA PRO B 57 7.16 -6.56 9.03
C PRO B 57 7.89 -5.30 9.49
N TYR B 58 8.34 -5.29 10.74
CA TYR B 58 9.06 -4.12 11.22
C TYR B 58 10.35 -3.98 10.43
N GLY B 59 10.96 -5.11 10.09
CA GLY B 59 12.18 -5.12 9.30
C GLY B 59 13.41 -4.53 9.95
N LYS B 60 14.33 -4.07 9.11
CA LYS B 60 15.58 -3.47 9.55
C LYS B 60 15.80 -2.19 8.73
N PRO B 61 16.55 -1.22 9.26
CA PRO B 61 17.21 -1.23 10.58
C PRO B 61 16.21 -0.96 11.69
N LYS B 62 16.70 -0.79 12.91
CA LYS B 62 15.86 -0.53 14.06
C LYS B 62 15.22 0.85 13.94
N TRP B 63 16.04 1.85 13.62
CA TRP B 63 15.56 3.21 13.46
C TRP B 63 16.11 3.76 12.15
N ASN B 64 15.34 4.56 11.44
CA ASN B 64 15.82 5.16 10.20
C ASN B 64 15.82 6.68 10.29
N SER B 65 15.82 7.18 11.53
CA SER B 65 15.83 8.60 11.82
C SER B 65 16.15 8.81 13.30
N GLU B 66 16.51 10.03 13.67
CA GLU B 66 16.83 10.33 15.06
C GLU B 66 15.59 10.21 15.93
N LEU B 67 14.42 10.33 15.30
CA LEU B 67 13.16 10.27 16.01
C LEU B 67 12.66 8.84 16.24
N GLY B 68 13.07 7.92 15.38
CA GLY B 68 12.66 6.54 15.51
C GLY B 68 12.63 5.89 14.14
N LYS B 69 11.58 5.14 13.83
CA LYS B 69 11.51 4.53 12.52
C LYS B 69 10.20 4.87 11.84
N SER B 70 10.30 5.45 10.64
N SER B 70 10.30 5.46 10.64
CA SER B 70 9.12 5.82 9.88
CA SER B 70 9.11 5.81 9.89
C SER B 70 8.74 4.70 8.92
C SER B 70 8.74 4.70 8.92
N PHE B 71 7.44 4.58 8.67
CA PHE B 71 6.91 3.56 7.78
C PHE B 71 5.82 4.19 6.94
N THR B 72 5.55 3.61 5.80
CA THR B 72 4.47 4.08 4.96
C THR B 72 3.76 2.84 4.44
N ALA B 73 2.51 3.02 3.99
CA ALA B 73 1.74 1.93 3.45
C ALA B 73 0.57 2.56 2.74
N SER B 74 0.00 1.84 1.78
CA SER B 74 -1.12 2.39 1.07
C SER B 74 -2.39 1.62 1.36
N VAL B 75 -3.52 2.31 1.19
CA VAL B 75 -4.83 1.70 1.34
C VAL B 75 -5.47 2.00 -0.01
N THR B 76 -5.87 0.95 -0.72
CA THR B 76 -6.46 1.10 -2.04
C THR B 76 -7.93 0.68 -2.02
N ASP B 77 -8.56 0.75 -3.19
CA ASP B 77 -9.96 0.39 -3.37
C ASP B 77 -10.92 1.18 -2.48
N LEU B 78 -10.60 2.45 -2.27
CA LEU B 78 -11.46 3.35 -1.49
C LEU B 78 -12.34 4.11 -2.46
N LYS B 79 -13.47 4.60 -1.96
CA LYS B 79 -14.39 5.35 -2.79
C LYS B 79 -14.20 6.84 -2.53
N PRO B 80 -13.93 7.62 -3.59
CA PRO B 80 -13.73 9.05 -3.40
C PRO B 80 -15.03 9.80 -3.08
N GLN B 81 -14.88 11.08 -2.76
CA GLN B 81 -16.01 11.94 -2.42
C GLN B 81 -16.60 11.54 -1.06
N HIS B 82 -15.76 10.95 -0.22
CA HIS B 82 -16.13 10.53 1.12
C HIS B 82 -14.97 10.79 2.06
N THR B 83 -15.26 10.74 3.36
CA THR B 83 -14.27 10.99 4.39
C THR B 83 -13.96 9.72 5.19
N TYR B 84 -12.68 9.55 5.51
CA TYR B 84 -12.19 8.36 6.21
C TYR B 84 -11.31 8.65 7.42
N ARG B 85 -11.13 7.62 8.22
CA ARG B 85 -10.24 7.67 9.38
C ARG B 85 -9.32 6.46 9.24
N PHE B 86 -8.09 6.61 9.72
CA PHE B 86 -7.09 5.55 9.62
C PHE B 86 -6.35 5.41 10.94
N ARG B 87 -5.81 4.22 11.19
CA ARG B 87 -5.01 4.01 12.38
C ARG B 87 -4.09 2.83 12.12
N ILE B 88 -3.03 2.73 12.92
CA ILE B 88 -2.04 1.68 12.78
C ILE B 88 -2.04 0.76 13.99
N LEU B 89 -2.13 -0.53 13.72
CA LEU B 89 -2.11 -1.55 14.77
C LEU B 89 -0.72 -2.18 14.80
N ALA B 90 -0.12 -2.20 15.97
CA ALA B 90 1.20 -2.80 16.15
C ALA B 90 1.06 -4.09 16.94
N VAL B 91 1.73 -5.13 16.47
CA VAL B 91 1.73 -6.42 17.15
C VAL B 91 3.15 -6.57 17.72
N TYR B 92 3.25 -6.73 19.04
CA TYR B 92 4.56 -6.86 19.68
C TYR B 92 5.00 -8.30 19.83
N SER B 93 6.28 -8.51 20.18
CA SER B 93 6.80 -9.86 20.32
C SER B 93 6.14 -10.71 21.39
N ASN B 94 5.29 -10.12 22.22
CA ASN B 94 4.61 -10.91 23.25
C ASN B 94 3.17 -11.15 22.82
N ASN B 95 2.90 -10.82 21.55
CA ASN B 95 1.58 -10.96 20.92
C ASN B 95 0.54 -9.97 21.41
N ASP B 96 0.97 -8.94 22.12
CA ASP B 96 0.04 -7.92 22.57
C ASP B 96 -0.21 -7.05 21.34
N ASN B 97 -1.36 -6.38 21.29
CA ASN B 97 -1.70 -5.49 20.18
C ASN B 97 -1.99 -4.12 20.75
N LYS B 98 -1.47 -3.08 20.11
CA LYS B 98 -1.72 -1.71 20.53
C LYS B 98 -1.95 -0.88 19.26
N GLU B 99 -3.00 -0.09 19.27
CA GLU B 99 -3.29 0.75 18.12
C GLU B 99 -2.92 2.20 18.38
N SER B 100 -2.55 2.89 17.30
CA SER B 100 -2.19 4.29 17.38
C SER B 100 -3.48 5.06 17.59
N ASN B 101 -3.35 6.34 17.94
CA ASN B 101 -4.55 7.17 18.05
C ASN B 101 -4.99 7.30 16.60
N THR B 102 -6.23 7.72 16.37
CA THR B 102 -6.71 7.84 15.02
C THR B 102 -6.16 9.03 14.27
N SER B 103 -6.13 8.92 12.95
CA SER B 103 -5.66 9.98 12.08
C SER B 103 -6.72 11.07 12.09
N ALA B 104 -6.38 12.22 11.53
CA ALA B 104 -7.34 13.29 11.40
C ALA B 104 -8.27 12.77 10.29
N LYS B 105 -9.48 13.31 10.20
CA LYS B 105 -10.41 12.89 9.17
C LYS B 105 -9.76 13.21 7.81
N PHE B 106 -9.94 12.33 6.84
CA PHE B 106 -9.36 12.56 5.52
C PHE B 106 -10.39 12.48 4.42
N TYR B 107 -10.56 13.58 3.70
CA TYR B 107 -11.49 13.63 2.58
C TYR B 107 -10.77 13.16 1.33
N LEU B 108 -11.29 12.11 0.69
CA LEU B 108 -10.68 11.58 -0.52
C LEU B 108 -11.30 12.27 -1.74
N GLN B 109 -10.50 13.09 -2.39
CA GLN B 109 -10.90 13.87 -3.56
C GLN B 109 -11.10 13.03 -4.83
N PRO B 110 -12.27 13.14 -5.47
CA PRO B 110 -12.48 12.36 -6.69
C PRO B 110 -11.87 13.15 -7.84
N GLY B 111 -11.82 12.55 -9.03
CA GLY B 111 -11.30 13.28 -10.17
C GLY B 111 -12.20 14.48 -10.35
N ALA B 112 -11.66 15.59 -10.84
CA ALA B 112 -12.44 16.80 -11.01
C ALA B 112 -13.56 16.68 -12.04
N ALA B 113 -14.69 17.30 -11.72
CA ALA B 113 -15.83 17.33 -12.64
C ALA B 113 -15.56 18.53 -13.52
N LEU B 114 -16.31 18.68 -14.60
CA LEU B 114 -16.07 19.84 -15.45
C LEU B 114 -16.51 21.11 -14.73
N ASP B 115 -15.91 22.24 -15.13
CA ASP B 115 -16.26 23.52 -14.54
C ASP B 115 -17.71 23.84 -14.91
S SO4 C . 18.96 -5.68 -14.95
O1 SO4 C . 18.17 -6.77 -15.57
O2 SO4 C . 19.15 -4.60 -15.93
O3 SO4 C . 18.23 -5.16 -13.78
O4 SO4 C . 20.26 -6.20 -14.51
S SO4 D . -9.22 -23.06 -16.37
O1 SO4 D . -10.42 -23.53 -15.64
O2 SO4 D . -9.02 -23.89 -17.57
O3 SO4 D . -9.41 -21.65 -16.78
O4 SO4 D . -8.03 -23.17 -15.50
S SO4 E . -15.95 -4.07 -21.19
O1 SO4 E . -16.40 -3.42 -19.95
O2 SO4 E . -16.36 -5.49 -21.17
O3 SO4 E . -16.57 -3.41 -22.35
O4 SO4 E . -14.49 -3.98 -21.30
S SO4 F . 13.79 -10.16 -15.27
O1 SO4 F . 12.68 -11.12 -15.08
O2 SO4 F . 14.49 -10.47 -16.53
O3 SO4 F . 13.27 -8.80 -15.31
O4 SO4 F . 14.73 -10.30 -14.14
S SO4 G . -16.02 10.09 13.44
O1 SO4 G . -17.31 10.80 13.27
O2 SO4 G . -16.26 8.73 13.96
O3 SO4 G . -15.34 10.02 12.14
O4 SO4 G . -15.19 10.84 14.41
S SO4 H . -18.88 11.55 3.95
O1 SO4 H . -19.63 11.86 5.17
O2 SO4 H . -17.97 10.41 4.21
O3 SO4 H . -19.80 11.19 2.84
O4 SO4 H . -18.07 12.71 3.53
S SO4 I . -10.49 14.39 15.70
O1 SO4 I . -11.90 14.55 15.28
O2 SO4 I . -10.40 13.31 16.71
O3 SO4 I . -9.67 14.05 14.54
O4 SO4 I . -10.02 15.65 16.30
#